data_4IDF
#
_entry.id   4IDF
#
_cell.length_a   70.263
_cell.length_b   70.263
_cell.length_c   175.095
_cell.angle_alpha   90.000
_cell.angle_beta   90.000
_cell.angle_gamma   90.000
#
_symmetry.space_group_name_H-M   'P 43 21 2'
#
loop_
_entity.id
_entity.type
_entity.pdbx_description
1 polymer 'Ripening-induced protein'
2 non-polymer 'NADPH DIHYDRO-NICOTINAMIDE-ADENINE-DINUCLEOTIDE PHOSPHATE'
3 non-polymer 4-hydroxy-5-methylfuran-3(2H)-one
4 non-polymer 'SULFATE ION'
5 non-polymer 1,2-ETHANEDIOL
6 water water
#
_entity_poly.entity_id   1
_entity_poly.type   'polypeptide(L)'
_entity_poly.pdbx_seq_one_letter_code
;MASWSHPQFEKGAAAPSESIPSVNKAWVYSEYGKTSDVLKFDPSVAVPEIKEDQVLIKVVAASLNPVDFKRALGYFKDTD
SPLPTIPGYDVAGVVVKVGSQVTKFKVGDEVYGDLNETALVNPTRFGSLAEYTAADERVLAHKPKNLSFIEAASLPLAIE
TAHEGLERAELSAGKSVLVLGGAGGVGTHIIQLAKHVFGASKVAATASTKKLDLLRTLGADLAIDYTKENFEDLPEKFDV
VYDAVGETDKAVKAVKEGGKVVTIVGPATPPAILFVLTSKGSVLEKLKPYLESGKVKPVLDPTSPYPFTKVVEAFGYLES
SRATGKVVVYPI
;
_entity_poly.pdbx_strand_id   A
#
loop_
_chem_comp.id
_chem_comp.type
_chem_comp.name
_chem_comp.formula
4XX non-polymer 4-hydroxy-5-methylfuran-3(2H)-one 'C5 H6 O3'
EDO non-polymer 1,2-ETHANEDIOL 'C2 H6 O2'
NDP non-polymer 'NADPH DIHYDRO-NICOTINAMIDE-ADENINE-DINUCLEOTIDE PHOSPHATE' 'C21 H30 N7 O17 P3'
SO4 non-polymer 'SULFATE ION' 'O4 S -2'
#
# COMPACT_ATOMS: atom_id res chain seq x y z
N GLY A 12 -2.66 29.33 0.84
CA GLY A 12 -3.44 28.37 -0.02
C GLY A 12 -4.81 28.91 -0.44
N ALA A 13 -4.85 30.02 -1.19
CA ALA A 13 -6.11 30.51 -1.79
C ALA A 13 -6.51 29.57 -2.91
N ALA A 14 -7.81 29.48 -3.22
CA ALA A 14 -8.29 28.68 -4.38
C ALA A 14 -7.43 28.90 -5.64
N ALA A 15 -7.18 27.84 -6.40
CA ALA A 15 -6.54 27.95 -7.70
C ALA A 15 -7.52 28.68 -8.62
N PRO A 16 -6.99 29.36 -9.65
CA PRO A 16 -7.96 29.94 -10.62
C PRO A 16 -8.76 28.80 -11.29
N SER A 17 -10.08 28.93 -11.44
CA SER A 17 -10.93 27.73 -11.76
C SER A 17 -10.66 27.17 -13.17
N GLU A 18 -10.38 28.08 -14.10
CA GLU A 18 -9.99 27.66 -15.44
C GLU A 18 -8.61 26.98 -15.45
N SER A 19 -7.88 26.99 -14.32
CA SER A 19 -6.56 26.34 -14.29
C SER A 19 -6.61 24.88 -14.02
N ILE A 20 -7.77 24.41 -13.59
CA ILE A 20 -7.96 23.01 -13.29
C ILE A 20 -8.65 22.37 -14.50
N PRO A 21 -8.01 21.37 -15.12
CA PRO A 21 -8.57 20.78 -16.33
C PRO A 21 -9.80 19.92 -16.02
N SER A 22 -10.66 19.74 -17.02
CA SER A 22 -11.80 18.84 -16.83
C SER A 22 -11.55 17.52 -17.51
N VAL A 23 -10.46 17.40 -18.31
CA VAL A 23 -10.04 16.10 -18.87
C VAL A 23 -8.52 15.98 -18.69
N ASN A 24 -8.03 14.75 -18.65
CA ASN A 24 -6.62 14.45 -18.41
C ASN A 24 -6.26 13.08 -18.90
N LYS A 25 -4.96 12.78 -18.88
CA LYS A 25 -4.46 11.46 -19.23
C LYS A 25 -4.62 10.52 -18.07
N ALA A 26 -4.98 9.27 -18.40
CA ALA A 26 -5.10 8.23 -17.39
C ALA A 26 -5.05 6.85 -18.00
N TRP A 27 -4.76 5.86 -17.16
CA TRP A 27 -4.91 4.46 -17.55
C TRP A 27 -6.31 3.95 -17.12
N VAL A 28 -6.95 3.15 -17.96
CA VAL A 28 -8.34 2.79 -17.78
C VAL A 28 -8.56 1.37 -18.25
N TYR A 29 -9.44 0.63 -17.57
CA TYR A 29 -9.96 -0.61 -18.13
C TYR A 29 -11.47 -0.57 -18.14
N SER A 30 -12.05 -1.10 -19.20
CA SER A 30 -13.47 -1.08 -19.45
CA SER A 30 -13.50 -1.08 -19.40
C SER A 30 -14.15 -2.42 -19.20
N GLU A 31 -13.36 -3.47 -18.97
CA GLU A 31 -13.88 -4.80 -18.66
C GLU A 31 -12.86 -5.47 -17.79
N TYR A 32 -13.30 -6.44 -16.99
CA TYR A 32 -12.38 -7.15 -16.12
C TYR A 32 -11.49 -8.12 -16.94
N GLY A 33 -10.28 -8.32 -16.46
CA GLY A 33 -9.36 -9.26 -17.06
C GLY A 33 -7.94 -9.00 -16.60
N LYS A 34 -7.00 -9.66 -17.27
CA LYS A 34 -5.58 -9.48 -17.01
C LYS A 34 -5.17 -8.07 -17.42
N THR A 35 -4.24 -7.44 -16.71
CA THR A 35 -3.82 -6.09 -17.09
C THR A 35 -3.15 -6.07 -18.44
N SER A 36 -2.52 -7.13 -18.84
CA SER A 36 -1.86 -7.17 -20.15
C SER A 36 -2.89 -7.12 -21.29
N ASP A 37 -4.13 -7.46 -20.98
CA ASP A 37 -5.22 -7.46 -21.97
C ASP A 37 -6.09 -6.20 -21.89
N VAL A 38 -6.46 -5.82 -20.68
CA VAL A 38 -7.54 -4.81 -20.51
C VAL A 38 -7.09 -3.38 -20.19
N LEU A 39 -5.87 -3.21 -19.68
CA LEU A 39 -5.41 -1.91 -19.24
C LEU A 39 -4.90 -1.05 -20.38
N LYS A 40 -5.59 0.05 -20.63
CA LYS A 40 -5.30 0.90 -21.83
C LYS A 40 -5.04 2.32 -21.42
N PHE A 41 -4.19 3.00 -22.18
CA PHE A 41 -3.99 4.42 -21.94
C PHE A 41 -5.07 5.23 -22.65
N ASP A 42 -5.64 6.21 -21.96
CA ASP A 42 -6.62 7.11 -22.57
C ASP A 42 -6.14 8.55 -22.38
N PRO A 43 -5.95 9.25 -23.49
CA PRO A 43 -5.40 10.58 -23.40
C PRO A 43 -6.35 11.65 -22.87
N SER A 44 -7.66 11.31 -22.79
CA SER A 44 -8.68 12.32 -22.49
CA SER A 44 -8.65 12.34 -22.43
C SER A 44 -9.80 11.69 -21.70
N VAL A 45 -9.58 11.49 -20.42
CA VAL A 45 -10.52 10.90 -19.44
CA VAL A 45 -10.67 11.00 -19.57
C VAL A 45 -11.00 12.09 -18.58
N ALA A 46 -12.24 12.05 -18.10
CA ALA A 46 -12.68 13.08 -17.16
C ALA A 46 -11.87 13.11 -15.89
N VAL A 47 -11.60 14.34 -15.46
CA VAL A 47 -11.08 14.57 -14.12
C VAL A 47 -12.31 14.45 -13.18
N PRO A 48 -12.12 13.76 -12.07
CA PRO A 48 -13.27 13.65 -11.13
C PRO A 48 -13.63 15.00 -10.50
N GLU A 49 -14.91 15.23 -10.31
CA GLU A 49 -15.44 16.34 -9.53
C GLU A 49 -15.33 15.95 -8.05
N ILE A 50 -14.88 16.84 -7.22
CA ILE A 50 -14.74 16.54 -5.77
C ILE A 50 -16.06 16.68 -5.00
N LYS A 51 -16.24 15.79 -4.02
CA LYS A 51 -17.24 16.03 -3.01
C LYS A 51 -16.75 17.00 -1.96
N GLU A 52 -17.66 17.38 -1.06
CA GLU A 52 -17.36 18.47 -0.16
C GLU A 52 -16.31 18.10 0.88
N ASP A 53 -16.13 16.80 1.14
CA ASP A 53 -15.09 16.38 2.06
C ASP A 53 -13.87 15.78 1.41
N GLN A 54 -13.64 16.20 0.16
CA GLN A 54 -12.53 15.77 -0.64
C GLN A 54 -11.67 16.95 -1.09
N VAL A 55 -10.48 16.56 -1.57
CA VAL A 55 -9.57 17.51 -2.23
C VAL A 55 -9.27 16.90 -3.60
N LEU A 56 -8.94 17.81 -4.56
CA LEU A 56 -8.38 17.38 -5.84
C LEU A 56 -6.84 17.51 -5.73
N ILE A 57 -6.16 16.47 -6.14
CA ILE A 57 -4.73 16.35 -6.11
C ILE A 57 -4.17 16.33 -7.55
N LYS A 58 -3.16 17.16 -7.82
CA LYS A 58 -2.28 16.96 -8.97
C LYS A 58 -1.32 15.84 -8.60
N VAL A 59 -1.50 14.70 -9.27
CA VAL A 59 -0.70 13.51 -8.97
C VAL A 59 0.71 13.72 -9.44
N VAL A 60 1.66 13.40 -8.55
CA VAL A 60 3.07 13.40 -8.85
C VAL A 60 3.61 11.99 -9.04
N ALA A 61 3.25 11.08 -8.15
CA ALA A 61 3.60 9.68 -8.23
C ALA A 61 2.49 8.80 -7.67
N ALA A 62 2.48 7.54 -8.09
CA ALA A 62 1.49 6.55 -7.66
C ALA A 62 2.18 5.24 -7.45
N SER A 63 1.77 4.47 -6.46
CA SER A 63 2.28 3.13 -6.31
C SER A 63 1.24 2.12 -6.77
N LEU A 64 1.73 0.96 -7.15
CA LEU A 64 0.91 -0.19 -7.50
C LEU A 64 0.83 -1.13 -6.29
N ASN A 65 -0.32 -1.77 -6.16
CA ASN A 65 -0.55 -2.80 -5.15
C ASN A 65 -1.20 -4.01 -5.78
N PRO A 66 -1.03 -5.22 -5.20
CA PRO A 66 -1.71 -6.37 -5.73
C PRO A 66 -3.21 -6.21 -5.82
N VAL A 67 -3.81 -5.46 -4.91
CA VAL A 67 -5.25 -5.23 -4.98
C VAL A 67 -5.64 -4.60 -6.33
N ASP A 68 -4.78 -3.80 -6.90
CA ASP A 68 -5.10 -3.20 -8.21
C ASP A 68 -5.34 -4.27 -9.26
N PHE A 69 -4.48 -5.28 -9.36
CA PHE A 69 -4.67 -6.32 -10.38
C PHE A 69 -5.76 -7.33 -9.99
N LYS A 70 -5.91 -7.63 -8.69
CA LYS A 70 -6.98 -8.57 -8.27
C LYS A 70 -8.35 -7.91 -8.58
N ARG A 71 -8.48 -6.61 -8.27
CA ARG A 71 -9.70 -5.84 -8.56
C ARG A 71 -9.93 -5.84 -10.10
N ALA A 72 -8.88 -5.61 -10.90
CA ALA A 72 -9.07 -5.57 -12.33
C ALA A 72 -9.42 -6.94 -12.90
N LEU A 73 -9.04 -8.07 -12.27
CA LEU A 73 -9.51 -9.41 -12.63
C LEU A 73 -10.98 -9.69 -12.30
N GLY A 74 -11.62 -8.78 -11.56
CA GLY A 74 -13.01 -8.88 -11.16
C GLY A 74 -13.21 -9.61 -9.83
N TYR A 75 -12.18 -9.80 -9.02
CA TYR A 75 -12.29 -10.60 -7.79
C TYR A 75 -13.31 -9.96 -6.84
N PHE A 76 -13.51 -8.65 -6.88
CA PHE A 76 -14.30 -7.93 -5.87
C PHE A 76 -15.50 -7.28 -6.61
N LYS A 77 -15.95 -7.83 -7.74
CA LYS A 77 -16.97 -7.21 -8.58
C LYS A 77 -18.28 -6.88 -7.87
N ASP A 78 -18.68 -7.73 -6.94
CA ASP A 78 -19.98 -7.58 -6.29
C ASP A 78 -20.05 -6.29 -5.45
N THR A 79 -18.91 -5.75 -5.05
CA THR A 79 -18.88 -4.51 -4.22
C THR A 79 -18.00 -3.44 -4.80
N ASP A 80 -17.64 -3.61 -6.09
CA ASP A 80 -16.82 -2.63 -6.81
C ASP A 80 -17.67 -1.44 -7.25
N SER A 81 -16.97 -0.39 -7.65
CA SER A 81 -17.63 0.72 -8.33
C SER A 81 -17.82 0.39 -9.82
N PRO A 82 -18.67 1.17 -10.52
CA PRO A 82 -18.93 0.86 -11.96
C PRO A 82 -17.72 1.06 -12.83
N LEU A 83 -17.58 0.14 -13.75
CA LEU A 83 -16.59 0.28 -14.83
C LEU A 83 -17.09 1.35 -15.79
N PRO A 84 -16.15 1.95 -16.58
CA PRO A 84 -14.74 1.76 -16.56
C PRO A 84 -14.06 2.26 -15.30
N THR A 85 -12.86 1.75 -15.02
CA THR A 85 -12.08 2.08 -13.84
C THR A 85 -10.72 2.65 -14.19
N ILE A 86 -10.31 3.70 -13.50
N ILE A 86 -10.32 3.74 -13.56
CA ILE A 86 -8.95 4.17 -13.51
CA ILE A 86 -8.93 4.17 -13.56
C ILE A 86 -8.30 3.64 -12.26
C ILE A 86 -8.31 3.62 -12.29
N PRO A 87 -7.36 2.69 -12.41
CA PRO A 87 -6.80 2.05 -11.20
C PRO A 87 -5.80 2.94 -10.45
N GLY A 88 -5.35 2.44 -9.29
CA GLY A 88 -4.28 3.07 -8.50
C GLY A 88 -4.88 3.58 -7.17
N TYR A 89 -4.42 2.96 -6.06
CA TYR A 89 -4.89 3.34 -4.73
C TYR A 89 -3.98 4.38 -4.11
N ASP A 90 -2.66 4.15 -4.18
CA ASP A 90 -1.67 5.02 -3.52
C ASP A 90 -1.36 6.24 -4.40
N VAL A 91 -1.25 7.40 -3.74
CA VAL A 91 -1.02 8.68 -4.40
C VAL A 91 -0.09 9.54 -3.55
N ALA A 92 0.75 10.35 -4.20
CA ALA A 92 1.37 11.52 -3.59
C ALA A 92 1.30 12.63 -4.58
N GLY A 93 1.01 13.83 -4.11
CA GLY A 93 0.94 14.95 -5.03
C GLY A 93 0.59 16.21 -4.30
N VAL A 94 0.06 17.18 -5.03
CA VAL A 94 -0.11 18.56 -4.53
C VAL A 94 -1.61 18.91 -4.62
N VAL A 95 -2.16 19.41 -3.54
CA VAL A 95 -3.59 19.82 -3.52
C VAL A 95 -3.80 21.02 -4.43
N VAL A 96 -4.81 20.93 -5.31
CA VAL A 96 -5.19 22.03 -6.18
C VAL A 96 -6.58 22.57 -5.95
N LYS A 97 -7.41 21.84 -5.18
CA LYS A 97 -8.77 22.28 -4.89
C LYS A 97 -9.19 21.60 -3.59
N VAL A 98 -9.97 22.35 -2.82
CA VAL A 98 -10.49 21.75 -1.57
C VAL A 98 -11.98 21.94 -1.51
N GLY A 99 -12.65 20.87 -1.06
CA GLY A 99 -14.07 20.95 -0.85
C GLY A 99 -14.49 21.79 0.34
N SER A 100 -15.75 22.21 0.35
CA SER A 100 -16.24 23.17 1.30
C SER A 100 -16.28 22.69 2.76
N GLN A 101 -16.18 21.35 2.95
CA GLN A 101 -16.08 20.82 4.31
C GLN A 101 -14.68 20.48 4.76
N VAL A 102 -13.71 20.68 3.88
CA VAL A 102 -12.34 20.34 4.23
C VAL A 102 -11.68 21.37 5.13
N THR A 103 -11.08 20.91 6.23
CA THR A 103 -10.37 21.77 7.14
C THR A 103 -8.86 21.48 7.30
N LYS A 104 -8.42 20.30 6.92
CA LYS A 104 -7.06 19.89 7.24
C LYS A 104 -6.02 20.28 6.19
N PHE A 105 -6.51 20.57 4.98
CA PHE A 105 -5.62 20.79 3.85
C PHE A 105 -6.05 22.07 3.17
N LYS A 106 -5.06 22.68 2.52
CA LYS A 106 -5.27 23.88 1.72
C LYS A 106 -4.57 23.65 0.36
N VAL A 107 -4.99 24.47 -0.61
CA VAL A 107 -4.32 24.45 -1.92
C VAL A 107 -2.82 24.69 -1.75
N GLY A 108 -2.05 23.82 -2.41
CA GLY A 108 -0.62 23.84 -2.36
C GLY A 108 -0.01 22.84 -1.40
N ASP A 109 -0.80 22.26 -0.51
CA ASP A 109 -0.24 21.25 0.41
C ASP A 109 0.24 20.04 -0.34
N GLU A 110 1.39 19.52 0.06
CA GLU A 110 1.89 18.27 -0.48
C GLU A 110 1.37 17.12 0.40
N VAL A 111 0.67 16.18 -0.21
CA VAL A 111 -0.10 15.18 0.50
C VAL A 111 0.15 13.80 -0.07
N TYR A 112 -0.22 12.78 0.70
CA TYR A 112 -0.12 11.42 0.28
C TYR A 112 -1.13 10.58 1.03
N GLY A 113 -1.52 9.45 0.46
CA GLY A 113 -2.45 8.55 1.06
C GLY A 113 -2.91 7.45 0.15
N ASP A 114 -3.69 6.55 0.73
CA ASP A 114 -4.36 5.46 -0.01
C ASP A 114 -5.80 5.90 -0.22
N LEU A 115 -6.21 6.14 -1.47
CA LEU A 115 -7.47 6.75 -1.76
C LEU A 115 -8.70 6.09 -1.16
N ASN A 116 -8.67 4.76 -1.02
CA ASN A 116 -9.89 4.02 -0.77
C ASN A 116 -10.02 3.62 0.65
N GLU A 117 -10.88 4.28 1.43
CA GLU A 117 -11.08 3.92 2.83
C GLU A 117 -11.26 2.42 2.99
N THR A 118 -12.17 1.81 2.23
CA THR A 118 -12.51 0.40 2.30
C THR A 118 -12.11 -0.20 0.96
N ALA A 119 -10.96 -0.88 0.92
CA ALA A 119 -10.39 -1.30 -0.33
C ALA A 119 -11.31 -2.07 -1.22
N LEU A 120 -12.13 -2.91 -0.66
CA LEU A 120 -12.92 -3.81 -1.46
C LEU A 120 -14.37 -3.37 -1.57
N VAL A 121 -14.74 -2.26 -0.98
CA VAL A 121 -16.13 -1.78 -0.99
C VAL A 121 -16.14 -0.36 -1.53
N ASN A 122 -16.72 -0.23 -2.72
CA ASN A 122 -16.82 1.08 -3.39
C ASN A 122 -15.51 1.85 -3.53
N PRO A 123 -14.40 1.21 -3.94
CA PRO A 123 -13.24 1.99 -4.29
C PRO A 123 -13.60 2.95 -5.43
N THR A 124 -12.92 4.06 -5.50
CA THR A 124 -13.28 5.10 -6.47
C THR A 124 -13.18 4.61 -7.92
N ARG A 125 -13.99 5.22 -8.77
CA ARG A 125 -13.84 5.04 -10.19
C ARG A 125 -12.60 5.73 -10.73
N PHE A 126 -12.10 6.72 -10.02
CA PHE A 126 -11.05 7.63 -10.52
C PHE A 126 -9.83 7.54 -9.63
N GLY A 127 -8.97 6.55 -9.89
CA GLY A 127 -7.80 6.27 -9.09
C GLY A 127 -6.62 7.17 -9.37
N SER A 128 -5.46 6.76 -8.88
CA SER A 128 -4.28 7.59 -8.87
C SER A 128 -3.45 7.49 -10.13
N LEU A 129 -3.75 6.55 -11.05
CA LEU A 129 -3.01 6.43 -12.31
C LEU A 129 -3.61 7.38 -13.36
N ALA A 130 -3.52 8.67 -13.02
CA ALA A 130 -4.15 9.76 -13.78
C ALA A 130 -3.39 11.03 -13.35
N GLU A 131 -3.52 12.11 -14.14
CA GLU A 131 -2.84 13.36 -13.79
C GLU A 131 -3.45 14.06 -12.57
N TYR A 132 -4.73 13.87 -12.36
CA TYR A 132 -5.49 14.45 -11.21
C TYR A 132 -6.36 13.38 -10.61
N THR A 133 -6.54 13.45 -9.31
CA THR A 133 -7.49 12.53 -8.65
C THR A 133 -8.18 13.22 -7.46
N ALA A 134 -9.35 12.72 -7.03
CA ALA A 134 -10.06 13.21 -5.89
C ALA A 134 -9.86 12.28 -4.75
N ALA A 135 -9.59 12.85 -3.58
CA ALA A 135 -9.28 12.06 -2.37
C ALA A 135 -10.04 12.61 -1.16
N ASP A 136 -10.62 11.71 -0.36
CA ASP A 136 -11.17 12.09 0.92
C ASP A 136 -10.12 12.73 1.82
N GLU A 137 -10.45 13.83 2.48
CA GLU A 137 -9.60 14.40 3.50
C GLU A 137 -9.11 13.34 4.46
N ARG A 138 -10.00 12.43 4.81
CA ARG A 138 -9.69 11.48 5.89
C ARG A 138 -8.63 10.48 5.55
N VAL A 139 -8.35 10.25 4.28
CA VAL A 139 -7.36 9.25 3.90
C VAL A 139 -6.00 9.86 3.72
N LEU A 140 -5.89 11.18 3.78
CA LEU A 140 -4.63 11.82 3.44
C LEU A 140 -3.86 12.29 4.68
N ALA A 141 -2.55 12.46 4.46
CA ALA A 141 -1.63 13.09 5.39
C ALA A 141 -0.67 14.04 4.66
N HIS A 142 -0.09 14.95 5.43
CA HIS A 142 0.96 15.80 4.85
C HIS A 142 2.17 14.98 4.54
N LYS A 143 2.75 15.19 3.37
CA LYS A 143 3.95 14.48 2.99
C LYS A 143 5.10 14.95 3.86
N PRO A 144 5.82 14.02 4.49
CA PRO A 144 7.05 14.41 5.19
C PRO A 144 8.04 15.13 4.24
N LYS A 145 8.62 16.21 4.74
CA LYS A 145 9.48 17.04 3.91
C LYS A 145 10.72 16.32 3.38
N ASN A 146 11.18 15.32 4.10
CA ASN A 146 12.40 14.60 3.76
C ASN A 146 12.18 13.47 2.80
N LEU A 147 10.94 13.20 2.49
CA LEU A 147 10.62 12.11 1.53
C LEU A 147 10.31 12.66 0.13
N SER A 148 10.83 12.00 -0.87
CA SER A 148 10.46 12.39 -2.25
C SER A 148 9.01 11.98 -2.49
N PHE A 149 8.40 12.48 -3.58
CA PHE A 149 7.11 12.05 -3.94
C PHE A 149 7.08 10.57 -4.34
N ILE A 150 8.13 10.08 -4.98
CA ILE A 150 8.22 8.66 -5.27
C ILE A 150 8.17 7.86 -3.92
N GLU A 151 9.01 8.29 -2.98
CA GLU A 151 9.08 7.60 -1.68
C GLU A 151 7.75 7.65 -0.94
N ALA A 152 7.12 8.83 -0.92
CA ALA A 152 5.84 8.96 -0.24
C ALA A 152 4.74 8.13 -0.89
N ALA A 153 4.68 8.15 -2.22
CA ALA A 153 3.69 7.32 -2.91
C ALA A 153 3.79 5.85 -2.63
N SER A 154 4.98 5.39 -2.35
CA SER A 154 5.26 4.01 -2.06
C SER A 154 4.61 3.56 -0.76
N LEU A 155 4.33 4.47 0.14
CA LEU A 155 4.04 4.06 1.54
C LEU A 155 2.61 3.61 1.88
N PRO A 156 1.53 4.35 1.49
CA PRO A 156 0.34 4.30 2.32
C PRO A 156 -0.30 2.94 2.47
N LEU A 157 -0.78 2.28 1.43
CA LEU A 157 -1.50 1.03 1.60
C LEU A 157 -0.61 0.04 2.38
N ALA A 158 0.60 -0.10 1.93
CA ALA A 158 1.48 -1.15 2.57
C ALA A 158 1.79 -0.79 4.02
N ILE A 159 2.17 0.44 4.33
CA ILE A 159 2.57 0.79 5.71
C ILE A 159 1.38 0.74 6.62
N GLU A 160 0.21 1.14 6.12
CA GLU A 160 -0.95 1.11 6.97
C GLU A 160 -1.48 -0.32 7.22
N THR A 161 -1.37 -1.18 6.21
CA THR A 161 -1.69 -2.60 6.37
C THR A 161 -0.75 -3.23 7.42
N ALA A 162 0.52 -2.94 7.29
CA ALA A 162 1.52 -3.46 8.27
C ALA A 162 1.12 -3.01 9.67
N HIS A 163 0.85 -1.72 9.87
CA HIS A 163 0.53 -1.16 11.16
C HIS A 163 -0.71 -1.77 11.73
N GLU A 164 -1.81 -1.86 10.92
CA GLU A 164 -3.06 -2.33 11.40
C GLU A 164 -2.97 -3.80 11.82
N GLY A 165 -2.27 -4.59 11.04
CA GLY A 165 -2.11 -6.03 11.35
C GLY A 165 -1.39 -6.25 12.68
N LEU A 166 -0.38 -5.45 12.86
CA LEU A 166 0.40 -5.53 14.16
C LEU A 166 -0.43 -5.06 15.32
N GLU A 167 -1.26 -4.03 15.16
CA GLU A 167 -2.18 -3.65 16.20
C GLU A 167 -3.21 -4.73 16.49
N ARG A 168 -3.78 -5.35 15.44
CA ARG A 168 -4.75 -6.40 15.61
C ARG A 168 -4.14 -7.63 16.35
N ALA A 169 -2.86 -7.82 16.08
CA ALA A 169 -2.14 -8.93 16.74
C ALA A 169 -1.71 -8.58 18.15
N GLU A 170 -1.94 -7.34 18.58
CA GLU A 170 -1.61 -6.87 19.94
C GLU A 170 -0.12 -6.91 20.15
N LEU A 171 0.67 -6.68 19.13
CA LEU A 171 2.11 -6.58 19.33
C LEU A 171 2.42 -5.42 20.24
N SER A 172 3.39 -5.63 21.17
CA SER A 172 3.80 -4.63 22.11
C SER A 172 5.23 -4.99 22.59
N ALA A 173 5.81 -4.10 23.32
CA ALA A 173 7.26 -4.14 23.64
C ALA A 173 7.63 -5.47 24.27
N GLY A 174 8.69 -6.05 23.68
CA GLY A 174 9.30 -7.27 24.30
C GLY A 174 8.85 -8.52 23.64
N LYS A 175 7.78 -8.53 22.84
CA LYS A 175 7.23 -9.69 22.24
C LYS A 175 7.96 -10.07 20.95
N SER A 176 7.81 -11.31 20.53
CA SER A 176 8.45 -11.80 19.32
C SER A 176 7.45 -11.87 18.21
N VAL A 177 7.90 -11.70 16.98
N VAL A 177 7.96 -11.74 17.00
CA VAL A 177 7.00 -11.80 15.84
CA VAL A 177 7.13 -11.65 15.80
C VAL A 177 7.69 -12.44 14.65
C VAL A 177 7.74 -12.46 14.65
N LEU A 178 6.94 -13.26 13.94
CA LEU A 178 7.38 -13.90 12.68
C LEU A 178 6.56 -13.30 11.56
N VAL A 179 7.24 -12.87 10.48
CA VAL A 179 6.61 -12.23 9.32
C VAL A 179 6.79 -13.20 8.16
N LEU A 180 5.70 -13.67 7.56
CA LEU A 180 5.76 -14.55 6.40
C LEU A 180 5.64 -13.66 5.15
N GLY A 181 6.70 -13.56 4.37
CA GLY A 181 6.74 -12.60 3.22
C GLY A 181 7.38 -11.28 3.56
N GLY A 182 8.59 -11.32 4.08
CA GLY A 182 9.23 -10.14 4.57
C GLY A 182 9.75 -9.15 3.54
N ALA A 183 9.91 -9.56 2.29
CA ALA A 183 10.57 -8.70 1.27
C ALA A 183 9.61 -7.93 0.35
N GLY A 184 8.33 -8.08 0.55
CA GLY A 184 7.37 -7.43 -0.33
C GLY A 184 6.99 -6.04 0.13
N GLY A 185 6.05 -5.45 -0.56
CA GLY A 185 5.55 -4.13 -0.21
C GLY A 185 5.11 -4.02 1.20
N VAL A 186 4.30 -4.97 1.69
CA VAL A 186 3.77 -4.96 3.05
C VAL A 186 4.84 -5.47 4.03
N GLY A 187 5.43 -6.59 3.70
CA GLY A 187 6.32 -7.27 4.67
C GLY A 187 7.51 -6.43 5.07
N THR A 188 8.05 -5.62 4.15
CA THR A 188 9.15 -4.74 4.48
C THR A 188 8.76 -3.73 5.56
N HIS A 189 7.53 -3.29 5.58
CA HIS A 189 7.03 -2.43 6.65
C HIS A 189 6.64 -3.18 7.89
N ILE A 190 6.15 -4.42 7.78
CA ILE A 190 5.87 -5.18 8.98
C ILE A 190 7.16 -5.31 9.79
N ILE A 191 8.26 -5.62 9.12
CA ILE A 191 9.55 -5.76 9.82
C ILE A 191 9.92 -4.47 10.50
N GLN A 192 9.96 -3.38 9.75
CA GLN A 192 10.37 -2.13 10.31
C GLN A 192 9.50 -1.66 11.42
N LEU A 193 8.18 -1.75 11.21
CA LEU A 193 7.32 -1.29 12.27
C LEU A 193 7.45 -2.15 13.52
N ALA A 194 7.52 -3.47 13.31
CA ALA A 194 7.60 -4.37 14.50
C ALA A 194 8.78 -4.05 15.35
N LYS A 195 9.93 -3.82 14.71
CA LYS A 195 11.13 -3.54 15.44
C LYS A 195 11.12 -2.13 16.01
N HIS A 196 10.81 -1.12 15.19
CA HIS A 196 11.11 0.25 15.53
C HIS A 196 9.95 1.06 16.08
N VAL A 197 8.73 0.56 15.91
CA VAL A 197 7.55 1.25 16.39
C VAL A 197 6.84 0.46 17.52
N PHE A 198 6.76 -0.85 17.40
CA PHE A 198 6.09 -1.75 18.37
C PHE A 198 7.05 -2.37 19.39
N GLY A 199 8.36 -2.12 19.28
CA GLY A 199 9.29 -2.57 20.27
C GLY A 199 9.48 -4.10 20.37
N ALA A 200 9.26 -4.85 19.30
CA ALA A 200 9.47 -6.30 19.38
C ALA A 200 10.88 -6.64 19.80
N SER A 201 11.05 -7.63 20.67
CA SER A 201 12.37 -8.11 21.04
C SER A 201 13.02 -8.95 19.99
N LYS A 202 12.23 -9.65 19.19
CA LYS A 202 12.80 -10.51 18.16
C LYS A 202 11.86 -10.45 16.97
N VAL A 203 12.41 -10.19 15.80
CA VAL A 203 11.65 -10.21 14.56
C VAL A 203 12.31 -11.21 13.63
N ALA A 204 11.51 -12.22 13.28
CA ALA A 204 11.92 -13.25 12.30
C ALA A 204 11.09 -13.01 11.04
N ALA A 205 11.65 -13.34 9.88
CA ALA A 205 10.96 -13.12 8.62
C ALA A 205 11.41 -14.11 7.56
N THR A 206 10.48 -14.50 6.70
CA THR A 206 10.76 -15.39 5.60
C THR A 206 10.88 -14.68 4.25
N ALA A 207 11.83 -15.13 3.48
CA ALA A 207 12.07 -14.74 2.09
C ALA A 207 12.94 -15.76 1.40
N SER A 208 13.17 -15.58 0.09
CA SER A 208 14.08 -16.45 -0.62
C SER A 208 15.56 -16.02 -0.45
N THR A 209 16.46 -16.84 -0.97
CA THR A 209 17.88 -16.83 -0.64
C THR A 209 18.55 -15.47 -0.77
N LYS A 210 18.30 -14.79 -1.88
CA LYS A 210 18.99 -13.54 -2.13
C LYS A 210 18.47 -12.31 -1.36
N LYS A 211 17.34 -12.47 -0.65
CA LYS A 211 16.68 -11.38 0.02
C LYS A 211 16.87 -11.36 1.51
N LEU A 212 17.65 -12.29 2.01
CA LEU A 212 17.81 -12.39 3.44
C LEU A 212 18.53 -11.18 4.03
N ASP A 213 19.55 -10.70 3.32
CA ASP A 213 20.35 -9.55 3.81
C ASP A 213 19.44 -8.31 3.94
N LEU A 214 18.57 -8.11 2.97
CA LEU A 214 17.58 -7.03 3.07
C LEU A 214 16.71 -7.14 4.32
N LEU A 215 16.22 -8.34 4.62
CA LEU A 215 15.40 -8.49 5.81
C LEU A 215 16.18 -8.06 7.03
N ARG A 216 17.44 -8.48 7.15
CA ARG A 216 18.25 -8.13 8.31
C ARG A 216 18.45 -6.61 8.42
N THR A 217 18.73 -5.99 7.27
CA THR A 217 18.91 -4.53 7.20
C THR A 217 17.69 -3.77 7.67
N LEU A 218 16.51 -4.30 7.40
CA LEU A 218 15.27 -3.63 7.79
C LEU A 218 14.87 -3.84 9.26
N GLY A 219 15.52 -4.78 9.94
CA GLY A 219 15.21 -4.99 11.34
C GLY A 219 15.00 -6.44 11.76
N ALA A 220 15.06 -7.37 10.82
CA ALA A 220 14.88 -8.78 11.20
C ALA A 220 16.11 -9.32 11.92
N ASP A 221 15.87 -9.94 13.07
CA ASP A 221 16.93 -10.60 13.81
C ASP A 221 17.23 -11.96 13.27
N LEU A 222 16.23 -12.55 12.60
CA LEU A 222 16.36 -13.88 12.05
C LEU A 222 15.69 -13.90 10.68
N ALA A 223 16.47 -14.18 9.66
CA ALA A 223 15.97 -14.24 8.32
C ALA A 223 16.01 -15.72 7.93
N ILE A 224 14.85 -16.20 7.54
CA ILE A 224 14.63 -17.61 7.26
C ILE A 224 14.42 -17.78 5.75
N ASP A 225 15.22 -18.61 5.10
CA ASP A 225 15.11 -18.89 3.67
C ASP A 225 14.05 -19.96 3.48
N TYR A 226 12.87 -19.55 3.02
CA TYR A 226 11.76 -20.52 2.84
C TYR A 226 12.01 -21.56 1.76
N THR A 227 13.01 -21.34 0.89
CA THR A 227 13.35 -22.32 -0.13
C THR A 227 14.25 -23.42 0.46
N LYS A 228 14.76 -23.20 1.67
CA LYS A 228 15.64 -24.19 2.30
C LYS A 228 15.13 -24.80 3.59
N GLU A 229 14.16 -24.15 4.22
CA GLU A 229 13.57 -24.70 5.41
C GLU A 229 12.18 -24.22 5.64
N ASN A 230 11.47 -24.97 6.45
CA ASN A 230 10.06 -24.70 6.75
C ASN A 230 9.96 -24.08 8.13
N PHE A 231 9.52 -22.83 8.18
CA PHE A 231 9.48 -22.08 9.46
C PHE A 231 8.63 -22.80 10.53
N GLU A 232 7.59 -23.53 10.10
CA GLU A 232 6.66 -24.11 11.03
C GLU A 232 7.27 -25.29 11.76
N ASP A 233 8.34 -25.85 11.20
CA ASP A 233 9.03 -26.95 11.88
C ASP A 233 10.11 -26.54 12.85
N LEU A 234 10.45 -25.26 12.88
CA LEU A 234 11.38 -24.73 13.88
C LEU A 234 10.73 -24.94 15.24
N PRO A 235 11.54 -25.24 16.25
CA PRO A 235 11.01 -25.36 17.60
C PRO A 235 10.65 -24.02 18.20
N GLU A 236 11.28 -22.97 17.72
CA GLU A 236 10.91 -21.63 18.12
C GLU A 236 9.48 -21.28 17.72
N LYS A 237 8.75 -20.77 18.68
CA LYS A 237 7.40 -20.27 18.42
C LYS A 237 7.29 -18.82 18.87
N PHE A 238 6.35 -18.09 18.31
CA PHE A 238 6.31 -16.62 18.32
C PHE A 238 5.05 -16.10 19.02
N ASP A 239 5.15 -14.93 19.64
CA ASP A 239 3.94 -14.29 20.18
C ASP A 239 2.95 -13.83 19.13
N VAL A 240 3.47 -13.41 17.97
CA VAL A 240 2.68 -12.94 16.86
C VAL A 240 3.24 -13.57 15.60
N VAL A 241 2.32 -14.05 14.78
CA VAL A 241 2.67 -14.41 13.39
C VAL A 241 1.82 -13.58 12.44
N TYR A 242 2.49 -12.90 11.51
CA TYR A 242 1.82 -12.01 10.54
C TYR A 242 2.10 -12.63 9.17
N ASP A 243 1.09 -13.21 8.61
CA ASP A 243 1.16 -13.84 7.30
C ASP A 243 0.81 -12.80 6.21
N ALA A 244 1.78 -12.53 5.34
CA ALA A 244 1.56 -11.68 4.15
C ALA A 244 1.71 -12.47 2.86
N VAL A 245 1.58 -13.81 2.93
CA VAL A 245 1.70 -14.65 1.78
C VAL A 245 0.38 -15.37 1.51
N GLY A 246 -0.20 -15.99 2.53
CA GLY A 246 -1.35 -16.85 2.39
C GLY A 246 -1.00 -18.27 2.75
N GLU A 247 -0.55 -18.46 3.98
CA GLU A 247 -0.23 -19.79 4.48
C GLU A 247 -0.54 -19.89 5.92
N THR A 248 -1.79 -19.58 6.25
CA THR A 248 -2.23 -19.64 7.61
C THR A 248 -2.24 -21.05 8.17
N ASP A 249 -2.40 -22.05 7.32
CA ASP A 249 -2.31 -23.45 7.76
C ASP A 249 -1.03 -23.73 8.50
N LYS A 250 0.05 -23.19 7.99
CA LYS A 250 1.35 -23.32 8.60
C LYS A 250 1.58 -22.26 9.65
N ALA A 251 1.07 -21.07 9.41
CA ALA A 251 1.29 -19.99 10.37
C ALA A 251 0.81 -20.35 11.74
N VAL A 252 -0.33 -21.03 11.82
CA VAL A 252 -0.89 -21.36 13.09
C VAL A 252 -0.01 -22.34 13.88
N LYS A 253 0.87 -23.03 13.19
CA LYS A 253 1.79 -23.97 13.80
C LYS A 253 3.05 -23.31 14.39
N ALA A 254 3.22 -22.03 14.16
CA ALA A 254 4.40 -21.29 14.59
C ALA A 254 4.14 -20.32 15.75
N VAL A 255 2.91 -20.26 16.25
CA VAL A 255 2.55 -19.33 17.29
C VAL A 255 2.52 -20.02 18.65
N LYS A 256 2.91 -19.23 19.65
CA LYS A 256 2.83 -19.65 21.02
C LYS A 256 1.36 -19.78 21.46
N GLU A 257 1.07 -20.65 22.36
CA GLU A 257 -0.25 -20.72 23.00
C GLU A 257 -0.58 -19.36 23.58
N GLY A 258 -1.77 -18.85 23.22
CA GLY A 258 -2.18 -17.52 23.65
C GLY A 258 -1.71 -16.39 22.77
N GLY A 259 -0.87 -16.65 21.75
CA GLY A 259 -0.41 -15.65 20.83
C GLY A 259 -1.47 -15.40 19.76
N LYS A 260 -1.11 -14.58 18.81
CA LYS A 260 -2.05 -14.13 17.75
C LYS A 260 -1.43 -14.33 16.40
N VAL A 261 -2.27 -14.82 15.46
CA VAL A 261 -1.94 -14.94 14.09
C VAL A 261 -2.90 -14.06 13.22
N VAL A 262 -2.32 -13.21 12.44
CA VAL A 262 -3.10 -12.38 11.48
C VAL A 262 -2.64 -12.71 10.11
N THR A 263 -3.54 -12.58 9.09
CA THR A 263 -3.17 -12.72 7.75
C THR A 263 -3.89 -11.65 6.90
N ILE A 264 -3.27 -11.29 5.83
CA ILE A 264 -3.87 -10.41 4.83
C ILE A 264 -4.26 -11.15 3.57
N VAL A 265 -4.07 -12.48 3.54
CA VAL A 265 -4.38 -13.31 2.39
C VAL A 265 -5.23 -14.47 2.89
N GLY A 266 -6.52 -14.47 2.55
CA GLY A 266 -7.40 -15.55 3.07
C GLY A 266 -7.42 -16.75 2.16
N PRO A 267 -8.16 -17.76 2.54
CA PRO A 267 -8.95 -17.83 3.78
C PRO A 267 -8.06 -18.15 4.96
N ALA A 268 -8.49 -17.65 6.12
CA ALA A 268 -7.79 -17.80 7.35
C ALA A 268 -8.24 -19.02 8.08
N THR A 269 -7.28 -19.87 8.40
CA THR A 269 -7.52 -21.05 9.20
C THR A 269 -7.58 -20.64 10.68
N PRO A 270 -8.72 -20.80 11.35
CA PRO A 270 -8.74 -20.42 12.75
C PRO A 270 -7.62 -21.15 13.53
N PRO A 271 -6.98 -20.48 14.52
CA PRO A 271 -7.33 -19.20 15.13
C PRO A 271 -6.79 -17.98 14.44
N ALA A 272 -6.16 -18.13 13.27
CA ALA A 272 -5.77 -16.93 12.53
C ALA A 272 -6.99 -16.13 12.10
N ILE A 273 -6.84 -14.83 11.99
CA ILE A 273 -7.85 -13.97 11.47
C ILE A 273 -7.34 -13.30 10.20
N LEU A 274 -8.24 -13.08 9.28
CA LEU A 274 -8.04 -12.26 8.07
C LEU A 274 -8.70 -10.91 8.29
N PHE A 275 -8.04 -9.83 7.92
CA PHE A 275 -8.63 -8.51 7.88
C PHE A 275 -8.26 -7.87 6.57
N VAL A 276 -8.97 -6.79 6.27
CA VAL A 276 -8.67 -5.91 5.18
C VAL A 276 -8.51 -4.51 5.79
N LEU A 277 -7.37 -3.84 5.49
CA LEU A 277 -7.08 -2.57 6.11
C LEU A 277 -8.20 -1.55 5.90
N THR A 278 -8.23 -0.59 6.81
CA THR A 278 -8.96 0.63 6.63
C THR A 278 -7.93 1.73 6.38
N SER A 279 -8.08 2.46 5.29
CA SER A 279 -7.15 3.55 4.98
C SER A 279 -7.53 4.79 5.76
N LYS A 280 -6.53 5.31 6.49
CA LYS A 280 -6.66 6.46 7.38
C LYS A 280 -5.41 7.32 7.34
N GLY A 281 -5.59 8.61 7.00
CA GLY A 281 -4.48 9.54 7.08
C GLY A 281 -3.92 9.67 8.48
N SER A 282 -4.75 9.46 9.51
CA SER A 282 -4.28 9.57 10.87
C SER A 282 -3.17 8.55 11.22
N VAL A 283 -3.16 7.44 10.50
CA VAL A 283 -2.12 6.43 10.71
C VAL A 283 -0.79 6.95 10.17
N LEU A 284 -0.85 7.56 9.00
CA LEU A 284 0.38 8.20 8.47
C LEU A 284 0.87 9.31 9.35
N GLU A 285 -0.04 10.12 9.90
CA GLU A 285 0.37 11.19 10.78
C GLU A 285 1.02 10.64 12.06
N LYS A 286 0.49 9.54 12.57
CA LYS A 286 1.10 8.90 13.76
C LYS A 286 2.53 8.43 13.44
N LEU A 287 2.72 7.93 12.25
CA LEU A 287 4.04 7.43 11.83
C LEU A 287 5.01 8.50 11.37
N LYS A 288 4.53 9.75 11.20
CA LYS A 288 5.38 10.85 10.70
C LYS A 288 6.75 10.98 11.38
N PRO A 289 6.81 10.89 12.72
CA PRO A 289 8.15 11.10 13.26
C PRO A 289 9.17 10.02 12.88
N TYR A 290 8.70 8.80 12.72
CA TYR A 290 9.60 7.71 12.33
C TYR A 290 10.02 7.85 10.89
N LEU A 291 9.15 8.41 10.07
CA LEU A 291 9.51 8.66 8.69
C LEU A 291 10.46 9.86 8.55
N GLU A 292 10.27 10.86 9.35
CA GLU A 292 11.15 12.00 9.33
C GLU A 292 12.54 11.70 9.85
N SER A 293 12.64 10.85 10.86
CA SER A 293 13.94 10.52 11.44
C SER A 293 14.70 9.46 10.63
N GLY A 294 13.97 8.73 9.77
CA GLY A 294 14.53 7.63 8.96
C GLY A 294 14.58 6.33 9.72
N LYS A 295 13.97 6.29 10.90
CA LYS A 295 13.87 5.00 11.62
C LYS A 295 13.07 4.00 10.85
N VAL A 296 12.03 4.47 10.18
CA VAL A 296 11.28 3.67 9.22
C VAL A 296 11.48 4.33 7.85
N LYS A 297 11.88 3.52 6.87
CA LYS A 297 12.20 4.01 5.54
C LYS A 297 11.32 3.43 4.47
N PRO A 298 11.08 4.22 3.41
CA PRO A 298 10.50 3.63 2.22
C PRO A 298 11.45 2.57 1.64
N VAL A 299 10.84 1.57 0.97
CA VAL A 299 11.58 0.52 0.33
C VAL A 299 11.07 0.41 -1.09
N LEU A 300 11.95 0.73 -2.04
N LEU A 300 11.95 0.73 -2.04
CA LEU A 300 11.62 0.76 -3.46
CA LEU A 300 11.60 0.76 -3.45
C LEU A 300 12.29 -0.37 -4.20
C LEU A 300 12.29 -0.37 -4.20
N ASP A 301 11.51 -1.02 -5.06
CA ASP A 301 12.08 -2.00 -5.93
C ASP A 301 13.11 -1.33 -6.83
N PRO A 302 14.24 -2.01 -7.13
CA PRO A 302 15.23 -1.38 -8.02
C PRO A 302 14.72 -0.98 -9.37
N THR A 303 13.63 -1.57 -9.82
CA THR A 303 13.07 -1.15 -11.10
C THR A 303 12.24 0.12 -11.04
N SER A 304 11.90 0.57 -9.83
CA SER A 304 11.15 1.81 -9.70
C SER A 304 12.10 2.98 -9.91
N PRO A 305 11.59 4.11 -10.42
CA PRO A 305 10.23 4.32 -10.92
C PRO A 305 10.03 3.88 -12.38
N TYR A 306 8.79 3.53 -12.70
CA TYR A 306 8.36 3.27 -14.02
C TYR A 306 7.72 4.53 -14.55
N PRO A 307 8.08 4.93 -15.78
CA PRO A 307 7.40 6.08 -16.37
C PRO A 307 5.90 5.82 -16.61
N PHE A 308 5.12 6.88 -16.71
CA PHE A 308 3.69 6.75 -16.90
C PHE A 308 3.32 6.00 -18.17
N THR A 309 4.21 5.99 -19.16
CA THR A 309 4.04 5.18 -20.36
C THR A 309 4.16 3.69 -20.16
N LYS A 310 4.71 3.28 -19.02
CA LYS A 310 5.10 1.88 -18.80
C LYS A 310 4.29 1.21 -17.72
N VAL A 311 3.06 1.70 -17.50
CA VAL A 311 2.21 1.13 -16.49
C VAL A 311 1.93 -0.37 -16.73
N VAL A 312 1.71 -0.80 -17.95
CA VAL A 312 1.41 -2.24 -18.19
C VAL A 312 2.58 -3.10 -17.73
N GLU A 313 3.78 -2.63 -18.06
CA GLU A 313 5.02 -3.33 -17.66
C GLU A 313 5.23 -3.33 -16.15
N ALA A 314 4.89 -2.20 -15.50
CA ALA A 314 4.96 -2.12 -14.02
C ALA A 314 4.04 -3.18 -13.44
N PHE A 315 2.80 -3.28 -13.94
CA PHE A 315 1.87 -4.30 -13.46
C PHE A 315 2.41 -5.70 -13.72
N GLY A 316 2.95 -5.94 -14.91
CA GLY A 316 3.46 -7.29 -15.22
C GLY A 316 4.55 -7.71 -14.21
N TYR A 317 5.39 -6.74 -13.84
CA TYR A 317 6.44 -7.02 -12.87
C TYR A 317 5.85 -7.28 -11.47
N LEU A 318 4.90 -6.48 -11.02
CA LEU A 318 4.29 -6.73 -9.74
C LEU A 318 3.59 -8.11 -9.73
N GLU A 319 2.94 -8.47 -10.84
CA GLU A 319 2.19 -9.72 -10.92
C GLU A 319 3.10 -10.94 -10.88
N SER A 320 4.39 -10.74 -11.05
CA SER A 320 5.39 -11.86 -10.97
C SER A 320 5.56 -12.36 -9.53
N SER A 321 5.12 -11.57 -8.55
CA SER A 321 5.20 -11.88 -7.08
C SER A 321 6.61 -11.78 -6.54
N ARG A 322 7.51 -11.17 -7.30
CA ARG A 322 8.94 -11.06 -6.93
C ARG A 322 9.38 -9.67 -6.50
N ALA A 323 8.48 -8.72 -6.45
CA ALA A 323 8.90 -7.32 -6.13
C ALA A 323 9.54 -7.31 -4.72
N THR A 324 10.63 -6.57 -4.62
CA THR A 324 11.26 -6.24 -3.38
C THR A 324 10.86 -4.82 -3.02
N GLY A 325 10.07 -4.64 -1.99
CA GLY A 325 9.48 -3.34 -1.77
C GLY A 325 8.55 -2.93 -2.87
N LYS A 326 8.46 -1.64 -3.15
CA LYS A 326 7.39 -1.07 -3.92
C LYS A 326 7.70 -0.74 -5.37
N VAL A 327 6.72 -0.97 -6.19
CA VAL A 327 6.64 -0.52 -7.60
C VAL A 327 5.91 0.80 -7.70
N VAL A 328 6.62 1.85 -8.09
CA VAL A 328 6.11 3.22 -8.17
C VAL A 328 6.20 3.72 -9.60
N VAL A 329 5.17 4.46 -10.00
CA VAL A 329 5.03 5.11 -11.29
C VAL A 329 5.30 6.60 -11.11
N TYR A 330 6.26 7.09 -11.89
CA TYR A 330 6.65 8.52 -11.86
C TYR A 330 7.55 8.75 -13.06
N PRO A 331 7.48 9.94 -13.69
CA PRO A 331 6.55 11.02 -13.37
C PRO A 331 5.20 10.85 -14.00
N ILE A 332 4.17 11.27 -13.34
CA ILE A 332 2.81 11.29 -13.87
C ILE A 332 2.45 12.72 -14.24
PA NDP B . 4.21 -7.99 -3.11
O1A NDP B . 3.88 -8.44 -4.52
O2A NDP B . 4.96 -6.76 -2.81
O5B NDP B . 5.00 -9.27 -2.39
C5B NDP B . 6.13 -9.70 -3.15
C4B NDP B . 7.11 -10.42 -2.20
O4B NDP B . 6.45 -11.63 -1.83
C3B NDP B . 8.43 -10.84 -2.87
O3B NDP B . 9.44 -10.04 -2.27
C2B NDP B . 8.53 -12.36 -2.58
O2B NDP B . 9.82 -12.68 -2.03
C1B NDP B . 7.50 -12.54 -1.49
N9A NDP B . 6.96 -13.91 -1.44
C8A NDP B . 6.23 -14.59 -2.36
N7A NDP B . 5.97 -15.84 -1.96
C5A NDP B . 6.57 -15.98 -0.75
C6A NDP B . 6.64 -17.05 0.22
N6A NDP B . 6.04 -18.23 -0.04
N1A NDP B . 7.26 -16.76 1.35
C2A NDP B . 7.93 -15.66 1.62
N3A NDP B . 7.90 -14.56 0.76
C4A NDP B . 7.24 -14.76 -0.40
O3 NDP B . 2.86 -8.03 -2.24
PN NDP B . 2.37 -7.10 -1.02
O1N NDP B . 3.38 -7.14 0.08
O2N NDP B . 1.94 -5.74 -1.53
O5D NDP B . 1.03 -7.86 -0.67
C5D NDP B . 1.20 -9.23 -0.14
C4D NDP B . -0.17 -9.90 -0.13
O4D NDP B . -1.10 -9.27 0.76
C3D NDP B . -0.91 -9.87 -1.51
O3D NDP B . -1.58 -11.10 -1.81
C2D NDP B . -1.89 -8.71 -1.36
O2D NDP B . -3.01 -8.86 -2.21
C1D NDP B . -2.29 -8.87 0.10
N1N NDP B . -2.72 -7.63 0.73
C2N NDP B . -3.81 -7.69 1.49
C3N NDP B . -4.22 -6.54 2.18
C7N NDP B . -5.40 -6.57 3.12
O7N NDP B . -5.72 -5.55 3.69
N7N NDP B . -6.00 -7.76 3.35
C4N NDP B . -3.47 -5.26 2.09
C5N NDP B . -2.29 -5.37 1.32
C6N NDP B . -1.95 -6.52 0.69
P2B NDP B . 10.54 -13.94 -2.76
O1X NDP B . 10.89 -13.40 -4.18
O2X NDP B . 11.73 -14.06 -1.86
O3X NDP B . 9.59 -15.04 -2.91
CAA 4XX C . -5.89 -4.56 -0.12
CAG 4XX C . -6.31 -5.99 -0.31
OAE 4XX C . -7.46 -6.45 0.22
CAD 4XX C . -7.52 -7.88 -0.08
CAF 4XX C . -6.39 -8.09 -0.93
OAB 4XX C . -6.07 -9.20 -1.40
CAH 4XX C . -5.66 -6.95 -1.03
OAC 4XX C . -4.52 -6.89 -1.73
S SO4 D . -9.64 8.48 12.08
O1 SO4 D . -8.30 8.27 12.65
O2 SO4 D . -10.44 7.26 12.48
O3 SO4 D . -10.32 9.73 12.57
O4 SO4 D . -9.58 8.45 10.54
C1 EDO E . 8.91 -12.51 24.67
O1 EDO E . 7.76 -13.47 24.59
C2 EDO E . 10.03 -12.92 23.71
O2 EDO E . 10.70 -14.14 24.15
C1 EDO F . 10.61 14.38 -6.02
O1 EDO F . 10.23 14.77 -4.67
C2 EDO F . 9.81 13.31 -6.79
O2 EDO F . 10.08 11.93 -6.43
#